data_3BLN
#
_entry.id   3BLN
#
_cell.length_a   43.370
_cell.length_b   89.553
_cell.length_c   37.228
_cell.angle_alpha   90.000
_cell.angle_beta   90.000
_cell.angle_gamma   90.000
#
_symmetry.space_group_name_H-M   'P 21 21 2'
#
loop_
_entity.id
_entity.type
_entity.pdbx_description
1 polymer 'Acetyltransferase GNAT family'
2 non-polymer 'ACETATE ION'
3 non-polymer (4R)-2-METHYLPENTANE-2,4-DIOL
4 non-polymer GLYCEROL
5 non-polymer (4S)-2-METHYL-2,4-PENTANEDIOL
6 water water
#
_entity_poly.entity_id   1
_entity_poly.type   'polypeptide(L)'
_entity_poly.pdbx_seq_one_letter_code
;G(MSE)KNVTKASIDDLDSIVHIDIDVIGNDSRRNYIKHSIDEGRCVIVKEDNSISGFLTYDTNFFDCTFLSLIIVSPTK
RRRGYASSLLSY(MSE)LSHSPTQKIFSSTNESNES(MSE)QKVFNANGFIRSGIVENLDEGDPEIIFYTKKLRA
;
_entity_poly.pdbx_strand_id   A
#
loop_
_chem_comp.id
_chem_comp.type
_chem_comp.name
_chem_comp.formula
ACT non-polymer 'ACETATE ION' 'C2 H3 O2 -1'
GOL non-polymer GLYCEROL 'C3 H8 O3'
MPD non-polymer (4S)-2-METHYL-2,4-PENTANEDIOL 'C6 H14 O2'
MRD non-polymer (4R)-2-METHYLPENTANE-2,4-DIOL 'C6 H14 O2'
#
# COMPACT_ATOMS: atom_id res chain seq x y z
N GLY A 1 2.58 6.59 18.91
CA GLY A 1 3.91 5.97 19.12
C GLY A 1 4.82 6.16 17.95
N MSE A 2 6.01 5.62 18.06
N MSE A 2 6.00 5.57 17.97
CA MSE A 2 6.99 5.71 17.00
CA MSE A 2 6.91 5.71 16.82
C MSE A 2 6.64 4.70 15.93
C MSE A 2 6.63 4.70 15.71
O MSE A 2 6.37 3.53 16.24
O MSE A 2 6.68 3.49 15.96
CB MSE A 2 8.40 5.42 17.52
CB MSE A 2 8.36 5.52 17.24
CG MSE A 2 8.80 6.30 18.71
CG MSE A 2 8.82 6.55 18.26
SE MSE A 2 10.70 6.23 18.99
SE MSE A 2 10.71 6.45 18.44
CE MSE A 2 11.05 4.38 18.62
CE MSE A 2 10.84 4.69 19.27
N LYS A 3 6.62 5.14 14.68
N LYS A 3 6.37 5.19 14.51
CA LYS A 3 6.37 4.23 13.59
CA LYS A 3 6.17 4.32 13.35
C LYS A 3 7.70 3.74 13.08
C LYS A 3 7.54 3.86 12.80
N ASN A 4 7.67 2.57 12.46
CA ASN A 4 8.77 2.14 11.61
C ASN A 4 8.20 1.29 10.48
N VAL A 5 8.89 1.32 9.36
N VAL A 5 8.88 1.33 9.34
CA VAL A 5 8.50 0.62 8.15
CA VAL A 5 8.45 0.64 8.12
C VAL A 5 9.61 -0.32 7.76
C VAL A 5 9.57 -0.25 7.59
N THR A 6 9.22 -1.50 7.31
CA THR A 6 10.19 -2.51 6.96
C THR A 6 9.56 -3.60 6.11
N LYS A 7 10.40 -4.38 5.46
CA LYS A 7 9.98 -5.54 4.71
C LYS A 7 9.34 -6.56 5.68
N ALA A 8 8.20 -7.11 5.31
CA ALA A 8 7.53 -8.13 6.12
C ALA A 8 8.27 -9.44 6.05
N SER A 9 8.10 -10.25 7.08
CA SER A 9 8.46 -11.65 6.99
C SER A 9 7.23 -12.52 7.22
N ILE A 10 7.40 -13.84 7.08
CA ILE A 10 6.25 -14.72 7.20
C ILE A 10 5.63 -14.70 8.60
N ASP A 11 6.44 -14.39 9.60
CA ASP A 11 5.94 -14.19 10.96
C ASP A 11 4.84 -13.15 11.07
N ASP A 12 4.82 -12.20 10.15
CA ASP A 12 3.88 -11.11 10.15
C ASP A 12 2.54 -11.41 9.49
N LEU A 13 2.43 -12.56 8.82
CA LEU A 13 1.26 -12.85 7.98
C LEU A 13 -0.04 -12.83 8.78
N ASP A 14 -0.08 -13.51 9.93
CA ASP A 14 -1.38 -13.59 10.66
C ASP A 14 -1.87 -12.22 11.15
N SER A 15 -0.95 -11.36 11.57
N SER A 15 -0.95 -11.38 11.58
CA SER A 15 -1.36 -9.99 11.92
CA SER A 15 -1.30 -10.02 11.95
C SER A 15 -1.81 -9.19 10.71
C SER A 15 -1.76 -9.17 10.74
N ILE A 16 -1.08 -9.32 9.60
CA ILE A 16 -1.47 -8.63 8.38
C ILE A 16 -2.88 -9.07 7.94
N VAL A 17 -3.13 -10.36 7.89
CA VAL A 17 -4.43 -10.83 7.42
C VAL A 17 -5.53 -10.41 8.40
N HIS A 18 -5.21 -10.30 9.68
CA HIS A 18 -6.20 -9.82 10.63
C HIS A 18 -6.62 -8.37 10.30
N ILE A 19 -5.66 -7.51 9.94
CA ILE A 19 -6.02 -6.20 9.40
C ILE A 19 -6.92 -6.32 8.18
N ASP A 20 -6.54 -7.18 7.23
CA ASP A 20 -7.30 -7.29 6.00
C ASP A 20 -8.73 -7.79 6.20
N ILE A 21 -8.92 -8.65 7.18
CA ILE A 21 -10.29 -9.12 7.52
C ILE A 21 -11.13 -7.92 7.97
N ASP A 22 -10.53 -6.94 8.63
CA ASP A 22 -11.29 -5.71 9.05
C ASP A 22 -11.64 -4.82 7.86
N VAL A 23 -10.75 -4.76 6.90
CA VAL A 23 -10.88 -3.88 5.75
C VAL A 23 -11.82 -4.43 4.68
N ILE A 24 -11.68 -5.71 4.32
CA ILE A 24 -12.51 -6.30 3.25
C ILE A 24 -13.60 -7.23 3.73
N GLY A 25 -13.55 -7.64 4.99
CA GLY A 25 -14.56 -8.52 5.54
C GLY A 25 -14.24 -9.99 5.71
N ASN A 26 -13.12 -10.45 5.17
CA ASN A 26 -12.81 -11.87 5.18
C ASN A 26 -11.33 -12.05 4.85
N ASP A 27 -10.89 -13.30 4.86
CA ASP A 27 -9.48 -13.63 4.62
C ASP A 27 -9.19 -14.01 3.15
N SER A 28 -10.03 -13.54 2.23
CA SER A 28 -9.89 -13.88 0.83
C SER A 28 -8.62 -13.46 0.19
N ARG A 29 -7.93 -12.47 0.75
CA ARG A 29 -6.65 -12.06 0.14
C ARG A 29 -5.44 -12.67 0.84
N ARG A 30 -5.68 -13.59 1.78
CA ARG A 30 -4.57 -14.20 2.53
C ARG A 30 -3.52 -14.85 1.60
N ASN A 31 -3.96 -15.61 0.59
CA ASN A 31 -2.97 -16.28 -0.26
C ASN A 31 -2.17 -15.31 -1.11
N TYR A 32 -2.82 -14.26 -1.60
CA TYR A 32 -2.12 -13.23 -2.33
C TYR A 32 -1.05 -12.59 -1.46
N ILE A 33 -1.43 -12.25 -0.25
CA ILE A 33 -0.51 -11.61 0.66
C ILE A 33 0.63 -12.56 1.06
N LYS A 34 0.28 -13.81 1.34
CA LYS A 34 1.27 -14.84 1.68
C LYS A 34 2.29 -14.98 0.54
N HIS A 35 1.81 -15.09 -0.70
CA HIS A 35 2.70 -15.17 -1.85
C HIS A 35 3.57 -13.93 -1.97
N SER A 36 3.00 -12.77 -1.71
N SER A 36 3.01 -12.76 -1.68
CA SER A 36 3.77 -11.54 -1.74
CA SER A 36 3.79 -11.53 -1.72
C SER A 36 4.94 -11.59 -0.73
C SER A 36 4.93 -11.53 -0.71
N ILE A 37 4.66 -12.00 0.50
CA ILE A 37 5.68 -12.13 1.49
C ILE A 37 6.73 -13.17 1.06
N ASP A 38 6.26 -14.28 0.49
CA ASP A 38 7.18 -15.34 0.03
C ASP A 38 8.18 -14.78 -0.99
N GLU A 39 7.72 -13.85 -1.84
CA GLU A 39 8.52 -13.20 -2.86
C GLU A 39 9.23 -11.91 -2.45
N GLY A 40 9.09 -11.50 -1.20
CA GLY A 40 9.71 -10.31 -0.68
C GLY A 40 9.11 -9.00 -1.09
N ARG A 41 7.80 -9.05 -1.41
N ARG A 41 7.83 -9.01 -1.46
CA ARG A 41 7.06 -7.95 -2.05
CA ARG A 41 7.18 -7.80 -1.98
C ARG A 41 6.05 -7.28 -1.10
C ARG A 41 6.01 -7.37 -1.10
N CYS A 42 6.17 -7.51 0.21
CA CYS A 42 5.25 -7.00 1.22
C CYS A 42 6.03 -6.18 2.27
N VAL A 43 5.48 -5.01 2.57
CA VAL A 43 6.04 -4.05 3.51
C VAL A 43 5.04 -3.81 4.62
N ILE A 44 5.52 -3.65 5.85
CA ILE A 44 4.67 -3.36 7.00
C ILE A 44 5.07 -2.04 7.64
N VAL A 45 4.10 -1.37 8.26
CA VAL A 45 4.34 -0.26 9.15
C VAL A 45 3.88 -0.70 10.53
N LYS A 46 4.74 -0.49 11.52
CA LYS A 46 4.50 -0.88 12.93
C LYS A 46 4.52 0.33 13.84
N GLU A 47 3.81 0.21 14.95
CA GLU A 47 3.78 1.22 16.01
C GLU A 47 3.50 0.47 17.30
N ASP A 48 4.24 0.76 18.36
CA ASP A 48 3.91 0.18 19.67
C ASP A 48 3.86 -1.35 19.66
N ASN A 49 4.79 -1.96 18.94
N ASN A 49 4.82 -1.93 18.95
CA ASN A 49 4.98 -3.41 18.93
CA ASN A 49 5.03 -3.38 18.84
C ASN A 49 3.90 -4.16 18.17
C ASN A 49 3.84 -4.12 18.25
N SER A 50 3.12 -3.46 17.35
CA SER A 50 2.12 -4.15 16.55
C SER A 50 2.11 -3.60 15.15
N ILE A 51 1.62 -4.39 14.22
CA ILE A 51 1.53 -3.98 12.83
C ILE A 51 0.29 -3.14 12.67
N SER A 52 0.48 -2.00 12.03
CA SER A 52 -0.57 -0.97 11.82
C SER A 52 -1.09 -0.91 10.41
N GLY A 53 -0.34 -1.43 9.45
CA GLY A 53 -0.72 -1.40 8.09
C GLY A 53 0.30 -2.13 7.24
N PHE A 54 -0.02 -2.28 5.97
CA PHE A 54 0.84 -3.06 5.04
C PHE A 54 0.61 -2.67 3.61
N LEU A 55 1.58 -3.02 2.79
CA LEU A 55 1.60 -2.73 1.39
C LEU A 55 2.12 -3.96 0.65
N THR A 56 1.56 -4.27 -0.50
CA THR A 56 2.11 -5.24 -1.44
C THR A 56 2.35 -4.58 -2.77
N TYR A 57 3.28 -5.12 -3.55
CA TYR A 57 3.51 -4.60 -4.88
C TYR A 57 3.94 -5.73 -5.80
N ASP A 58 3.90 -5.43 -7.09
CA ASP A 58 4.51 -6.31 -8.11
C ASP A 58 5.05 -5.45 -9.21
N THR A 59 5.80 -6.04 -10.13
CA THR A 59 6.50 -5.31 -11.14
C THR A 59 5.94 -5.64 -12.50
N ASN A 60 4.66 -5.93 -12.56
CA ASN A 60 4.08 -6.43 -13.81
C ASN A 60 3.01 -5.50 -14.38
N PHE A 61 3.16 -4.19 -14.17
CA PHE A 61 2.26 -3.19 -14.74
C PHE A 61 3.01 -2.43 -15.80
N PHE A 62 2.89 -2.90 -17.05
CA PHE A 62 3.72 -2.31 -18.13
C PHE A 62 5.21 -2.24 -17.73
N ASP A 63 5.67 -3.31 -17.10
CA ASP A 63 7.06 -3.49 -16.66
C ASP A 63 7.49 -2.56 -15.53
N CYS A 64 6.51 -1.94 -14.88
CA CYS A 64 6.76 -1.03 -13.78
C CYS A 64 6.16 -1.58 -12.49
N THR A 65 6.67 -1.10 -11.37
CA THR A 65 6.12 -1.37 -10.03
C THR A 65 4.71 -0.80 -9.93
N PHE A 66 3.82 -1.63 -9.40
CA PHE A 66 2.48 -1.22 -9.06
C PHE A 66 2.20 -1.63 -7.63
N LEU A 67 1.71 -0.67 -6.84
CA LEU A 67 1.42 -0.87 -5.44
C LEU A 67 -0.02 -1.40 -5.37
N SER A 68 -0.16 -2.71 -5.19
CA SER A 68 -1.39 -3.42 -5.38
C SER A 68 -2.31 -3.42 -4.17
N LEU A 69 -1.75 -3.27 -2.97
CA LEU A 69 -2.53 -3.09 -1.73
C LEU A 69 -1.80 -2.07 -0.89
N ILE A 70 -2.55 -1.13 -0.34
CA ILE A 70 -2.06 -0.14 0.61
C ILE A 70 -3.16 -0.03 1.68
N ILE A 71 -2.92 -0.72 2.79
CA ILE A 71 -3.94 -1.03 3.78
C ILE A 71 -3.52 -0.58 5.16
N VAL A 72 -4.37 0.20 5.82
CA VAL A 72 -4.14 0.65 7.19
C VAL A 72 -5.25 0.07 8.07
N SER A 73 -4.87 -0.36 9.25
CA SER A 73 -5.85 -0.86 10.21
C SER A 73 -6.92 0.19 10.48
N PRO A 74 -8.22 -0.19 10.44
CA PRO A 74 -9.27 0.75 10.81
C PRO A 74 -9.27 1.15 12.27
N THR A 75 -8.38 0.58 13.08
CA THR A 75 -8.23 1.01 14.47
C THR A 75 -7.44 2.32 14.59
N LYS A 76 -6.68 2.67 13.57
CA LYS A 76 -5.82 3.83 13.70
C LYS A 76 -6.58 5.14 13.57
N ARG A 77 -6.10 6.16 14.31
CA ARG A 77 -6.82 7.43 14.42
C ARG A 77 -6.00 8.64 14.14
N ARG A 78 -4.86 8.49 13.54
CA ARG A 78 -4.18 9.63 12.97
C ARG A 78 -3.67 9.26 11.59
N ARG A 79 -3.34 10.29 10.81
CA ARG A 79 -2.91 10.08 9.45
C ARG A 79 -1.43 9.73 9.50
N GLY A 80 -0.92 9.23 8.40
CA GLY A 80 0.51 9.07 8.24
C GLY A 80 0.98 7.64 8.04
N TYR A 81 0.11 6.66 8.29
CA TYR A 81 0.55 5.25 8.18
C TYR A 81 0.73 4.87 6.71
N ALA A 82 -0.24 5.20 5.88
CA ALA A 82 -0.11 4.98 4.45
C ALA A 82 1.08 5.75 3.89
N SER A 83 1.26 7.00 4.35
CA SER A 83 2.42 7.79 3.91
C SER A 83 3.74 7.12 4.21
N SER A 84 3.86 6.53 5.39
N SER A 84 3.87 6.49 5.38
CA SER A 84 5.06 5.82 5.77
CA SER A 84 5.11 5.82 5.74
C SER A 84 5.34 4.70 4.77
C SER A 84 5.37 4.64 4.82
N LEU A 85 4.31 3.94 4.43
CA LEU A 85 4.42 2.85 3.45
C LEU A 85 4.89 3.36 2.08
N LEU A 86 4.28 4.43 1.63
CA LEU A 86 4.64 5.02 0.35
C LEU A 86 6.06 5.54 0.34
N SER A 87 6.47 6.21 1.41
N SER A 87 6.44 6.23 1.42
CA SER A 87 7.83 6.72 1.44
CA SER A 87 7.81 6.72 1.55
C SER A 87 8.88 5.61 1.41
C SER A 87 8.82 5.61 1.37
N TYR A 88 8.59 4.48 2.04
CA TYR A 88 9.49 3.34 1.92
C TYR A 88 9.64 2.90 0.47
N MSE A 89 8.53 2.86 -0.27
CA MSE A 89 8.58 2.50 -1.67
C MSE A 89 9.30 3.49 -2.57
O MSE A 89 9.88 3.10 -3.57
CB MSE A 89 7.20 2.13 -2.21
CG MSE A 89 6.58 0.87 -1.54
SE MSE A 89 7.67 -0.71 -1.75
CE MSE A 89 7.71 -0.84 -3.70
N LEU A 90 9.27 4.75 -2.20
CA LEU A 90 10.01 5.71 -2.96
C LEU A 90 11.50 5.41 -2.96
N SER A 91 11.97 4.79 -1.87
N SER A 91 12.02 4.80 -1.89
CA SER A 91 13.37 4.39 -1.74
CA SER A 91 13.43 4.39 -1.93
C SER A 91 13.69 2.95 -2.15
C SER A 91 13.64 2.94 -2.40
N HIS A 92 12.70 2.07 -2.07
CA HIS A 92 12.91 0.66 -2.30
C HIS A 92 12.26 0.05 -3.55
N SER A 93 11.52 0.82 -4.34
CA SER A 93 10.98 0.31 -5.58
C SER A 93 12.07 -0.27 -6.49
N PRO A 94 11.77 -1.44 -7.07
CA PRO A 94 12.76 -2.00 -8.00
C PRO A 94 12.80 -1.34 -9.37
N THR A 95 11.85 -0.46 -9.64
CA THR A 95 11.78 0.30 -10.87
C THR A 95 11.70 1.81 -10.58
N GLN A 96 12.22 2.61 -11.49
CA GLN A 96 12.16 4.05 -11.34
C GLN A 96 10.75 4.59 -11.34
N LYS A 97 9.87 4.00 -12.16
N LYS A 97 9.88 4.01 -12.17
CA LYS A 97 8.47 4.37 -12.19
CA LYS A 97 8.47 4.38 -12.22
C LYS A 97 7.64 3.57 -11.21
C LYS A 97 7.65 3.58 -11.21
N ILE A 98 6.73 4.24 -10.52
CA ILE A 98 5.88 3.62 -9.53
C ILE A 98 4.44 4.03 -9.82
N PHE A 99 3.55 3.05 -9.97
CA PHE A 99 2.14 3.29 -10.20
C PHE A 99 1.32 2.66 -9.05
N SER A 100 0.11 3.16 -8.93
CA SER A 100 -0.90 2.54 -8.09
C SER A 100 -2.26 3.06 -8.57
N SER A 101 -3.30 2.77 -7.82
CA SER A 101 -4.61 3.24 -8.17
C SER A 101 -5.50 3.29 -6.97
N THR A 102 -6.63 3.99 -7.11
CA THR A 102 -7.72 3.89 -6.16
C THR A 102 -9.01 4.25 -6.86
N ASN A 103 -10.14 3.92 -6.26
CA ASN A 103 -11.42 4.28 -6.88
C ASN A 103 -11.60 5.76 -6.95
N GLU A 104 -12.32 6.22 -7.98
CA GLU A 104 -12.70 7.63 -8.06
C GLU A 104 -13.52 8.09 -6.84
N SER A 105 -14.26 7.18 -6.23
CA SER A 105 -15.00 7.51 -5.01
C SER A 105 -14.12 7.66 -3.77
N ASN A 106 -12.87 7.16 -3.78
CA ASN A 106 -12.06 7.08 -2.59
C ASN A 106 -11.24 8.34 -2.41
N GLU A 107 -11.89 9.33 -1.85
N GLU A 107 -11.93 9.34 -1.87
CA GLU A 107 -11.26 10.63 -1.75
CA GLU A 107 -11.33 10.67 -1.60
C GLU A 107 -10.20 10.62 -0.64
C GLU A 107 -10.15 10.54 -0.69
N SER A 108 -10.31 9.71 0.33
CA SER A 108 -9.27 9.56 1.35
C SER A 108 -7.94 9.08 0.76
N MSE A 109 -7.98 8.07 -0.08
N MSE A 109 -8.00 8.09 -0.10
CA MSE A 109 -6.75 7.58 -0.68
CA MSE A 109 -6.82 7.54 -0.70
C MSE A 109 -6.21 8.56 -1.68
C MSE A 109 -6.23 8.50 -1.73
O MSE A 109 -5.00 8.71 -1.80
O MSE A 109 -5.01 8.59 -1.87
CB MSE A 109 -6.97 6.21 -1.33
CB MSE A 109 -7.13 6.17 -1.31
CG MSE A 109 -5.69 5.56 -1.84
CG MSE A 109 -5.91 5.31 -1.53
SE MSE A 109 -4.35 5.17 -0.42
SE MSE A 109 -4.78 5.01 0.08
CE MSE A 109 -5.50 4.79 1.05
CE MSE A 109 -3.11 5.47 -0.83
N GLN A 110 -7.09 9.23 -2.43
CA GLN A 110 -6.62 10.28 -3.30
C GLN A 110 -5.79 11.32 -2.54
N LYS A 111 -6.23 11.68 -1.35
N LYS A 111 -6.31 11.72 -1.38
CA LYS A 111 -5.51 12.64 -0.52
CA LYS A 111 -5.58 12.61 -0.47
C LYS A 111 -4.17 12.09 0.02
C LYS A 111 -4.19 12.07 -0.18
N VAL A 112 -4.11 10.80 0.26
CA VAL A 112 -2.86 10.15 0.58
C VAL A 112 -1.88 10.21 -0.62
N PHE A 113 -2.35 9.90 -1.82
CA PHE A 113 -1.46 9.98 -2.99
C PHE A 113 -0.92 11.37 -3.20
N ASN A 114 -1.81 12.33 -3.07
CA ASN A 114 -1.41 13.74 -3.13
C ASN A 114 -0.37 14.13 -2.10
N ALA A 115 -0.56 13.67 -0.87
CA ALA A 115 0.35 13.96 0.25
C ALA A 115 1.74 13.34 0.05
N ASN A 116 1.83 12.43 -0.90
CA ASN A 116 3.08 11.74 -1.15
C ASN A 116 3.69 12.06 -2.52
N GLY A 117 3.14 13.05 -3.22
CA GLY A 117 3.70 13.50 -4.51
C GLY A 117 3.37 12.62 -5.70
N PHE A 118 2.37 11.75 -5.57
CA PHE A 118 1.87 11.01 -6.73
C PHE A 118 0.90 11.91 -7.49
N ILE A 119 0.86 11.77 -8.81
CA ILE A 119 -0.05 12.52 -9.66
C ILE A 119 -1.06 11.58 -10.33
N ARG A 120 -2.23 12.11 -10.63
N ARG A 120 -2.25 12.10 -10.60
CA ARG A 120 -3.14 11.42 -11.52
CA ARG A 120 -3.21 11.37 -11.41
C ARG A 120 -2.45 11.10 -12.82
C ARG A 120 -2.61 11.13 -12.82
N SER A 121 -2.73 9.89 -13.29
CA SER A 121 -1.99 9.37 -14.46
C SER A 121 -2.81 8.39 -15.31
N GLY A 122 -4.12 8.55 -15.28
CA GLY A 122 -5.01 7.77 -16.09
C GLY A 122 -6.20 7.22 -15.32
N ILE A 123 -6.88 6.30 -15.98
CA ILE A 123 -8.16 5.78 -15.50
C ILE A 123 -8.38 4.44 -16.15
N VAL A 124 -8.98 3.50 -15.38
CA VAL A 124 -9.44 2.22 -15.96
C VAL A 124 -10.90 2.09 -15.61
N GLU A 125 -11.73 2.10 -16.65
CA GLU A 125 -13.16 1.90 -16.54
C GLU A 125 -13.58 0.46 -16.69
N ASN A 126 -14.86 0.17 -16.41
CA ASN A 126 -15.42 -1.18 -16.53
C ASN A 126 -14.87 -2.20 -15.55
N LEU A 127 -14.45 -1.70 -14.39
CA LEU A 127 -14.07 -2.49 -13.25
C LEU A 127 -15.22 -2.38 -12.25
N ASP A 128 -15.07 -1.71 -11.11
CA ASP A 128 -16.20 -1.60 -10.18
C ASP A 128 -17.29 -0.74 -10.85
N GLU A 129 -18.52 -1.17 -10.73
CA GLU A 129 -19.63 -0.51 -11.41
C GLU A 129 -19.70 0.99 -11.08
N GLY A 130 -19.58 1.83 -12.09
CA GLY A 130 -19.70 3.25 -11.94
C GLY A 130 -18.61 3.92 -11.12
N ASP A 131 -17.53 3.20 -10.82
CA ASP A 131 -16.54 3.73 -9.91
C ASP A 131 -15.16 3.31 -10.41
N PRO A 132 -14.67 4.02 -11.44
CA PRO A 132 -13.42 3.60 -12.06
C PRO A 132 -12.20 3.70 -11.18
N GLU A 133 -11.15 2.98 -11.57
CA GLU A 133 -9.87 3.09 -10.93
C GLU A 133 -9.13 4.27 -11.51
N ILE A 134 -8.69 5.15 -10.63
CA ILE A 134 -7.83 6.26 -11.02
C ILE A 134 -6.41 5.85 -10.84
N ILE A 135 -5.61 5.94 -11.89
CA ILE A 135 -4.19 5.57 -11.85
C ILE A 135 -3.39 6.74 -11.28
N PHE A 136 -2.46 6.42 -10.39
CA PHE A 136 -1.54 7.35 -9.81
C PHE A 136 -0.12 6.96 -10.13
N TYR A 137 0.73 7.97 -10.27
CA TYR A 137 2.11 7.80 -10.74
C TYR A 137 3.08 8.65 -9.97
N THR A 138 4.28 8.12 -9.75
CA THR A 138 5.41 8.92 -9.33
C THR A 138 6.69 8.23 -9.74
N LYS A 139 7.80 8.92 -9.57
CA LYS A 139 9.12 8.33 -9.70
C LYS A 139 9.78 8.15 -8.33
N LYS A 140 10.76 7.24 -8.27
CA LYS A 140 11.54 7.02 -7.06
C LYS A 140 12.34 8.23 -6.64
N LEU A 141 12.74 8.22 -5.38
CA LEU A 141 13.76 9.14 -4.87
C LEU A 141 15.07 8.85 -5.60
N ARG A 142 15.83 9.89 -5.92
CA ARG A 142 17.09 9.79 -6.69
C ARG A 142 18.16 10.78 -6.25
C ACT B . -5.10 -0.04 -4.82
C ACT B . -4.04 -0.04 -4.10
O ACT B . -5.04 -0.69 -5.94
O ACT B . -3.11 -0.61 -4.67
OXT ACT B . -6.20 0.64 -4.55
OXT ACT B . -3.78 0.52 -3.02
CH3 ACT B . -3.85 0.01 -3.97
CH3 ACT B . -5.40 -0.06 -4.73
C1 MRD C . 0.16 -18.89 -1.04
C1 MRD C . -1.41 -19.94 -2.70
C2 MRD C . 0.10 -19.67 -2.35
C2 MRD C . 0.05 -19.62 -2.41
O2 MRD C . -1.10 -19.31 -3.07
O2 MRD C . 0.66 -18.92 -3.54
CM MRD C . 1.30 -19.30 -3.20
CM MRD C . 0.17 -18.72 -1.18
C3 MRD C . 0.08 -21.17 -2.06
C3 MRD C . 0.76 -20.93 -2.16
C4 MRD C . -0.58 -22.03 -3.13
C4 MRD C . 1.69 -21.38 -3.27
O4 MRD C . -1.96 -21.76 -3.30
O4 MRD C . 1.16 -21.16 -4.57
C5 MRD C . -0.46 -23.49 -2.69
C5 MRD C . 1.97 -22.86 -3.16
C1 MRD D . -6.64 -7.44 -6.20
C1 MRD D . -4.30 -7.16 -5.29
C2 MRD D . -5.31 -7.94 -5.66
C2 MRD D . -5.18 -8.30 -5.77
O2 MRD D . -4.33 -7.88 -6.72
O2 MRD D . -6.36 -7.72 -6.39
CM MRD D . -4.84 -7.03 -4.53
CM MRD D . -4.45 -9.12 -6.83
C3 MRD D . -5.42 -9.39 -5.14
C3 MRD D . -5.61 -9.17 -4.60
C4 MRD D . -5.97 -10.37 -6.18
C4 MRD D . -6.61 -10.26 -4.99
O4 MRD D . -7.33 -10.65 -5.95
O4 MRD D . -7.84 -9.67 -5.36
C5 MRD D . -5.21 -11.69 -6.17
C5 MRD D . -6.83 -11.24 -3.85
C1 GOL E . 8.73 -9.71 12.02
C1 GOL E . 9.19 -10.21 10.98
O1 GOL E . 9.19 -9.71 10.68
O1 GOL E . 9.10 -8.94 10.37
C2 GOL E . 8.73 -8.29 12.60
C2 GOL E . 9.05 -10.07 12.48
O2 GOL E . 7.42 -7.70 12.79
O2 GOL E . 9.61 -11.22 13.09
C3 GOL E . 9.64 -8.30 13.83
C3 GOL E . 9.76 -8.81 12.92
O3 GOL E . 9.15 -8.79 15.08
O3 GOL E . 9.65 -8.64 14.30
C1 MPD F . 0.90 -4.74 -19.88
C2 MPD F . 0.42 -5.41 -18.61
O2 MPD F . 1.61 -5.34 -17.78
CM MPD F . -0.74 -4.65 -17.95
C3 MPD F . 0.09 -6.86 -18.93
C4 MPD F . -0.53 -7.66 -17.77
O4 MPD F . -1.64 -6.99 -17.18
C5 MPD F . -0.92 -9.08 -18.24
C1 MRD G . 0.42 -4.87 -19.76
C2 MRD G . 0.03 -5.03 -18.31
O2 MRD G . 1.26 -5.14 -17.56
CM MRD G . -0.74 -3.83 -17.78
C3 MRD G . -0.87 -6.22 -18.10
C4 MRD G . -0.12 -7.55 -18.12
O4 MRD G . -0.90 -8.64 -18.52
C5 MRD G . 0.35 -7.72 -16.70
#